data_4CO4
#
_entry.id   4CO4
#
_cell.length_a   53.681
_cell.length_b   58.950
_cell.length_c   90.386
_cell.angle_alpha   90.00
_cell.angle_beta   90.00
_cell.angle_gamma   90.00
#
_symmetry.space_group_name_H-M   'P 21 21 21'
#
loop_
_entity.id
_entity.type
_entity.pdbx_description
1 polymer 'PII-LIKE PROTEIN PZ'
2 non-polymer "ADENOSINE-5'-TRIPHOSPHATE"
3 non-polymer 'PHOSPHATE ION'
4 non-polymer 'ADENOSINE MONOPHOSPHATE'
5 water water
#
_entity_poly.entity_id   1
_entity_poly.type   'polypeptide(L)'
_entity_poly.pdbx_seq_one_letter_code
;MKLVMAIIKPFKLDEVREALTSLGIQGLTVSEVKGFGRQKGQTEIYRGAEYSVSFLPKVKVEVAVSDDQYEQVVEAIQKA
ANTGRIGDGKIFVLDIAQAVRIRTGETNTEAL
;
_entity_poly.pdbx_strand_id   A,B,C
#
# COMPACT_ATOMS: atom_id res chain seq x y z
N MET A 1 15.57 -3.03 4.35
CA MET A 1 14.57 -2.03 4.69
CA MET A 1 14.56 -2.02 4.68
C MET A 1 13.18 -2.65 4.84
N LYS A 2 12.36 -2.05 5.70
CA LYS A 2 11.00 -2.55 5.94
C LYS A 2 10.01 -1.43 5.73
N LEU A 3 8.86 -1.78 5.14
CA LEU A 3 7.74 -0.86 5.08
C LEU A 3 6.81 -1.15 6.25
N VAL A 4 6.68 -0.17 7.15
CA VAL A 4 5.76 -0.28 8.27
C VAL A 4 4.47 0.46 7.94
N MET A 5 3.36 -0.27 7.89
CA MET A 5 2.07 0.29 7.53
C MET A 5 1.15 0.19 8.73
N ALA A 6 0.67 1.32 9.22
CA ALA A 6 -0.21 1.29 10.39
C ALA A 6 -1.55 1.92 10.07
N ILE A 7 -2.63 1.24 10.44
CA ILE A 7 -3.97 1.79 10.30
C ILE A 7 -4.47 2.16 11.68
N ILE A 8 -4.67 3.46 11.91
CA ILE A 8 -4.93 3.97 13.25
C ILE A 8 -6.16 4.87 13.30
N LYS A 9 -6.65 5.12 14.52
CA LYS A 9 -7.71 6.09 14.72
C LYS A 9 -7.16 7.46 14.39
N PRO A 10 -7.92 8.25 13.62
CA PRO A 10 -7.43 9.56 13.15
C PRO A 10 -6.89 10.46 14.26
N PHE A 11 -7.52 10.46 15.43
CA PHE A 11 -7.09 11.38 16.49
C PHE A 11 -5.75 10.99 17.09
N LYS A 12 -5.24 9.81 16.75
CA LYS A 12 -3.97 9.35 17.26
C LYS A 12 -2.78 9.73 16.37
N LEU A 13 -3.06 10.35 15.23
CA LEU A 13 -2.01 10.69 14.28
C LEU A 13 -0.90 11.55 14.88
N ASP A 14 -1.28 12.61 15.60
CA ASP A 14 -0.31 13.51 16.19
C ASP A 14 0.61 12.79 17.17
N GLU A 15 0.03 11.93 17.99
CA GLU A 15 0.79 11.18 18.98
CA GLU A 15 0.79 11.18 18.98
C GLU A 15 1.76 10.21 18.32
N VAL A 16 1.32 9.60 17.22
CA VAL A 16 2.17 8.70 16.46
C VAL A 16 3.32 9.48 15.81
N ARG A 17 2.99 10.62 15.22
CA ARG A 17 4.00 11.47 14.61
C ARG A 17 5.05 11.91 15.62
N GLU A 18 4.59 12.27 16.82
CA GLU A 18 5.50 12.70 17.88
C GLU A 18 6.48 11.59 18.28
N ALA A 19 5.96 10.36 18.39
CA ALA A 19 6.80 9.23 18.77
C ALA A 19 7.86 8.95 17.70
N LEU A 20 7.46 9.01 16.44
CA LEU A 20 8.37 8.75 15.34
C LEU A 20 9.45 9.83 15.25
N THR A 21 9.04 11.08 15.46
CA THR A 21 9.96 12.21 15.43
C THR A 21 11.04 12.07 16.50
N SER A 22 10.65 11.55 17.67
CA SER A 22 11.59 11.37 18.76
C SER A 22 12.63 10.31 18.42
N LEU A 23 12.28 9.43 17.48
CA LEU A 23 13.19 8.38 17.03
C LEU A 23 14.05 8.84 15.85
N GLY A 24 13.86 10.08 15.44
CA GLY A 24 14.61 10.64 14.33
C GLY A 24 14.00 10.31 12.98
N ILE A 25 12.73 9.93 13.01
CA ILE A 25 12.00 9.60 11.80
C ILE A 25 10.96 10.69 11.49
N GLN A 26 11.28 11.54 10.53
CA GLN A 26 10.43 12.68 10.18
C GLN A 26 9.72 12.45 8.85
N GLY A 27 10.28 11.58 8.02
CA GLY A 27 9.71 11.30 6.70
C GLY A 27 8.73 10.15 6.72
N LEU A 28 7.47 10.46 6.42
CA LEU A 28 6.41 9.47 6.46
C LEU A 28 5.23 9.90 5.61
N THR A 29 4.43 8.92 5.17
CA THR A 29 3.35 9.17 4.23
C THR A 29 2.02 8.81 4.88
N VAL A 30 1.07 9.74 4.84
CA VAL A 30 -0.22 9.56 5.49
C VAL A 30 -1.38 9.62 4.50
N SER A 31 -2.28 8.64 4.59
CA SER A 31 -3.45 8.56 3.70
CA SER A 31 -3.45 8.65 3.72
C SER A 31 -4.74 8.49 4.53
N GLU A 32 -5.80 9.06 4.01
CA GLU A 32 -7.11 8.94 4.64
C GLU A 32 -7.81 7.73 4.04
N VAL A 33 -8.20 6.77 4.88
CA VAL A 33 -8.82 5.55 4.39
C VAL A 33 -10.13 5.29 5.12
N LYS A 34 -10.87 4.28 4.64
CA LYS A 34 -12.11 3.87 5.28
C LYS A 34 -11.93 2.50 5.89
N GLY A 35 -12.29 2.38 7.17
CA GLY A 35 -12.06 1.14 7.89
C GLY A 35 -13.34 0.40 8.21
N PHE A 36 -13.41 -0.86 7.81
CA PHE A 36 -14.58 -1.67 8.08
C PHE A 36 -14.24 -2.71 9.13
N PHE A 55 -18.62 1.82 7.84
CA PHE A 55 -17.20 2.12 7.97
C PHE A 55 -16.95 3.30 8.89
N LEU A 56 -15.71 3.43 9.36
CA LEU A 56 -15.29 4.59 10.11
C LEU A 56 -14.02 5.11 9.47
N PRO A 57 -13.82 6.44 9.52
CA PRO A 57 -12.59 7.03 8.98
C PRO A 57 -11.39 6.55 9.75
N LYS A 58 -10.34 6.17 9.04
CA LYS A 58 -9.09 5.77 9.67
C LYS A 58 -7.96 6.49 8.96
N VAL A 59 -6.79 6.44 9.55
CA VAL A 59 -5.60 7.03 8.95
C VAL A 59 -4.58 5.93 8.71
N LYS A 60 -4.03 5.90 7.50
CA LYS A 60 -2.94 4.98 7.19
C LYS A 60 -1.63 5.73 7.22
N VAL A 61 -0.73 5.27 8.09
CA VAL A 61 0.62 5.83 8.16
C VAL A 61 1.56 4.84 7.52
N GLU A 62 2.38 5.30 6.57
CA GLU A 62 3.39 4.46 5.97
C GLU A 62 4.76 5.06 6.15
N VAL A 63 5.67 4.25 6.68
CA VAL A 63 7.05 4.69 6.87
C VAL A 63 8.03 3.56 6.56
N ALA A 64 8.96 3.83 5.66
CA ALA A 64 10.05 2.91 5.37
C ALA A 64 11.19 3.17 6.33
N VAL A 65 11.62 2.12 7.03
CA VAL A 65 12.69 2.23 8.02
C VAL A 65 13.74 1.15 7.82
N SER A 66 14.95 1.36 8.34
CA SER A 66 16.01 0.36 8.22
C SER A 66 15.67 -0.89 9.02
N ASP A 67 16.25 -2.03 8.63
CA ASP A 67 16.00 -3.29 9.32
C ASP A 67 16.34 -3.20 10.80
N ASP A 68 17.42 -2.47 11.12
CA ASP A 68 17.91 -2.37 12.49
C ASP A 68 16.96 -1.59 13.41
N GLN A 69 15.99 -0.90 12.82
CA GLN A 69 15.14 -0.03 13.63
C GLN A 69 13.66 -0.37 13.57
N TYR A 70 13.26 -1.30 12.69
CA TYR A 70 11.85 -1.49 12.44
C TYR A 70 11.06 -1.96 13.67
N GLU A 71 11.64 -2.83 14.49
CA GLU A 71 10.93 -3.30 15.68
C GLU A 71 10.70 -2.18 16.70
N GLN A 72 11.70 -1.33 16.90
CA GLN A 72 11.55 -0.17 17.76
C GLN A 72 10.46 0.75 17.23
N VAL A 73 10.39 0.89 15.91
CA VAL A 73 9.40 1.72 15.27
C VAL A 73 7.99 1.15 15.47
N VAL A 74 7.85 -0.16 15.25
CA VAL A 74 6.57 -0.83 15.46
C VAL A 74 6.08 -0.64 16.90
N GLU A 75 6.97 -0.79 17.86
CA GLU A 75 6.62 -0.65 19.27
C GLU A 75 6.20 0.77 19.60
N ALA A 76 6.92 1.74 19.04
CA ALA A 76 6.63 3.15 19.28
C ALA A 76 5.26 3.53 18.72
N ILE A 77 4.95 3.03 17.54
CA ILE A 77 3.65 3.30 16.92
C ILE A 77 2.54 2.65 17.73
N GLN A 78 2.73 1.39 18.11
CA GLN A 78 1.73 0.67 18.89
C GLN A 78 1.39 1.39 20.20
N LYS A 79 2.41 1.86 20.91
CA LYS A 79 2.19 2.50 22.20
C LYS A 79 1.49 3.83 22.03
N ALA A 80 1.84 4.56 20.98
CA ALA A 80 1.25 5.86 20.74
C ALA A 80 -0.20 5.78 20.23
N ALA A 81 -0.51 4.72 19.50
CA ALA A 81 -1.81 4.59 18.86
C ALA A 81 -2.82 3.82 19.72
N ASN A 82 -2.32 3.14 20.74
CA ASN A 82 -3.18 2.31 21.59
C ASN A 82 -4.15 3.09 22.46
N THR A 83 -5.39 2.60 22.55
CA THR A 83 -6.34 3.07 23.55
C THR A 83 -6.84 1.90 24.38
N GLY A 84 -6.76 0.71 23.80
CA GLY A 84 -7.27 -0.48 24.43
C GLY A 84 -8.71 -0.76 24.05
N ARG A 85 -9.32 0.15 23.31
CA ARG A 85 -10.70 -0.03 22.86
C ARG A 85 -10.78 -0.58 21.44
N ILE A 86 -11.95 -1.09 21.09
CA ILE A 86 -12.20 -1.63 19.76
C ILE A 86 -11.91 -0.56 18.70
N GLY A 87 -11.35 -0.97 17.56
CA GLY A 87 -11.07 -0.04 16.48
C GLY A 87 -9.66 0.52 16.44
N ASP A 88 -8.82 0.10 17.39
CA ASP A 88 -7.46 0.62 17.51
C ASP A 88 -6.60 0.39 16.27
N GLY A 89 -6.86 -0.70 15.55
CA GLY A 89 -6.19 -0.92 14.29
C GLY A 89 -5.05 -1.91 14.30
N LYS A 90 -4.22 -1.82 13.26
CA LYS A 90 -3.21 -2.83 12.98
C LYS A 90 -1.93 -2.19 12.47
N ILE A 91 -0.82 -2.87 12.71
CA ILE A 91 0.46 -2.52 12.08
C ILE A 91 0.94 -3.71 11.27
N PHE A 92 1.28 -3.48 10.01
CA PHE A 92 1.83 -4.53 9.16
C PHE A 92 3.23 -4.15 8.73
N VAL A 93 4.15 -5.12 8.78
CA VAL A 93 5.53 -4.90 8.34
C VAL A 93 5.77 -5.72 7.07
N LEU A 94 6.19 -5.05 5.99
CA LEU A 94 6.50 -5.74 4.75
C LEU A 94 7.94 -5.48 4.34
N ASP A 95 8.58 -6.48 3.74
CA ASP A 95 9.95 -6.32 3.26
C ASP A 95 9.99 -5.42 2.04
N ILE A 96 10.97 -4.52 2.00
CA ILE A 96 11.23 -3.72 0.82
C ILE A 96 12.41 -4.30 0.05
N ALA A 97 12.18 -4.66 -1.20
CA ALA A 97 13.22 -5.27 -2.05
C ALA A 97 14.24 -4.24 -2.50
N GLN A 98 13.78 -3.01 -2.72
CA GLN A 98 14.63 -1.92 -3.19
C GLN A 98 13.99 -0.58 -2.84
N ALA A 99 14.82 0.35 -2.38
CA ALA A 99 14.38 1.71 -2.15
C ALA A 99 15.27 2.67 -2.92
N VAL A 100 14.67 3.64 -3.59
CA VAL A 100 15.44 4.66 -4.29
C VAL A 100 15.08 6.06 -3.78
N ARG A 101 16.10 6.86 -3.52
CA ARG A 101 15.91 8.26 -3.16
C ARG A 101 15.80 9.05 -4.45
N ILE A 102 14.62 9.60 -4.73
CA ILE A 102 14.38 10.27 -6.01
C ILE A 102 15.32 11.48 -6.23
N ARG A 103 15.59 12.23 -5.17
CA ARG A 103 16.41 13.44 -5.27
C ARG A 103 17.79 13.19 -5.88
N THR A 104 18.39 12.05 -5.58
CA THR A 104 19.73 11.71 -6.08
C THR A 104 19.75 10.51 -7.01
N GLY A 105 18.68 9.72 -7.02
CA GLY A 105 18.64 8.52 -7.83
C GLY A 105 19.36 7.33 -7.24
N GLU A 106 19.85 7.48 -6.01
CA GLU A 106 20.61 6.43 -5.33
C GLU A 106 19.73 5.32 -4.78
N THR A 107 20.19 4.08 -4.91
CA THR A 107 19.52 2.93 -4.33
C THR A 107 20.07 2.69 -2.93
N ASN A 108 19.19 2.45 -1.97
CA ASN A 108 19.58 2.27 -0.58
C ASN A 108 20.52 1.08 -0.38
N MET B 1 7.23 -10.93 -9.65
CA MET B 1 6.44 -9.71 -9.76
CA MET B 1 6.42 -9.73 -9.75
C MET B 1 6.74 -8.75 -8.63
N LYS B 2 6.68 -7.46 -8.93
CA LYS B 2 6.98 -6.42 -7.96
C LYS B 2 5.88 -5.37 -7.95
N LEU B 3 5.60 -4.87 -6.75
CA LEU B 3 4.78 -3.69 -6.60
C LEU B 3 5.74 -2.51 -6.50
N VAL B 4 5.63 -1.57 -7.44
CA VAL B 4 6.45 -0.37 -7.39
C VAL B 4 5.58 0.78 -6.88
N MET B 5 6.01 1.38 -5.78
CA MET B 5 5.28 2.45 -5.12
C MET B 5 6.18 3.68 -5.07
N ALA B 6 5.68 4.82 -5.55
CA ALA B 6 6.46 6.05 -5.49
C ALA B 6 5.65 7.19 -4.90
N ILE B 7 6.29 7.98 -4.04
CA ILE B 7 5.68 9.19 -3.51
C ILE B 7 6.37 10.37 -4.13
N ILE B 8 5.64 11.13 -4.95
CA ILE B 8 6.24 12.18 -5.75
C ILE B 8 5.60 13.55 -5.52
N LYS B 9 6.30 14.59 -5.94
CA LYS B 9 5.72 15.93 -5.96
C LYS B 9 4.57 15.93 -6.97
N PRO B 10 3.43 16.52 -6.59
CA PRO B 10 2.23 16.45 -7.43
C PRO B 10 2.42 16.96 -8.85
N PHE B 11 3.24 17.99 -9.03
CA PHE B 11 3.39 18.57 -10.37
C PHE B 11 4.09 17.62 -11.34
N LYS B 12 4.72 16.58 -10.80
CA LYS B 12 5.45 15.62 -11.61
C LYS B 12 4.60 14.44 -12.09
N LEU B 13 3.34 14.39 -11.67
CA LEU B 13 2.49 13.26 -12.05
C LEU B 13 2.36 13.07 -13.56
N ASP B 14 2.18 14.17 -14.29
CA ASP B 14 2.02 14.08 -15.73
C ASP B 14 3.25 13.47 -16.41
N GLU B 15 4.44 13.94 -16.01
CA GLU B 15 5.67 13.42 -16.57
C GLU B 15 5.88 11.95 -16.23
N VAL B 16 5.54 11.58 -14.99
CA VAL B 16 5.69 10.19 -14.58
C VAL B 16 4.72 9.29 -15.35
N ARG B 17 3.48 9.76 -15.49
CA ARG B 17 2.48 9.02 -16.26
C ARG B 17 2.95 8.83 -17.70
N GLU B 18 3.48 9.90 -18.28
CA GLU B 18 3.97 9.89 -19.64
C GLU B 18 5.11 8.87 -19.83
N ALA B 19 6.04 8.88 -18.89
CA ALA B 19 7.19 7.98 -18.96
C ALA B 19 6.76 6.52 -18.85
N LEU B 20 5.82 6.24 -17.97
CA LEU B 20 5.34 4.87 -17.78
C LEU B 20 4.56 4.36 -19.00
N THR B 21 3.73 5.23 -19.56
CA THR B 21 2.94 4.90 -20.73
C THR B 21 3.82 4.59 -21.95
N SER B 22 4.89 5.36 -22.10
CA SER B 22 5.85 5.10 -23.17
C SER B 22 6.53 3.74 -23.02
N LEU B 23 6.69 3.29 -21.77
CA LEU B 23 7.25 1.98 -21.49
C LEU B 23 6.23 0.87 -21.72
N GLY B 24 4.99 1.26 -21.99
CA GLY B 24 3.93 0.30 -22.24
C GLY B 24 3.38 -0.29 -20.95
N ILE B 25 3.53 0.44 -19.86
CA ILE B 25 3.05 -0.02 -18.57
C ILE B 25 1.60 0.37 -18.37
N GLN B 26 0.76 -0.63 -18.08
CA GLN B 26 -0.65 -0.40 -17.82
C GLN B 26 -1.00 -0.57 -16.35
N GLY B 27 -2.16 -0.06 -15.97
CA GLY B 27 -2.68 -0.23 -14.62
C GLY B 27 -2.07 0.65 -13.57
N LEU B 28 -1.63 1.84 -13.94
CA LEU B 28 -1.16 2.79 -12.95
C LEU B 28 -2.32 3.09 -12.00
N THR B 29 -2.05 3.06 -10.71
CA THR B 29 -3.01 3.50 -9.72
C THR B 29 -2.43 4.70 -8.99
N VAL B 30 -3.25 5.71 -8.74
CA VAL B 30 -2.78 6.98 -8.21
C VAL B 30 -3.67 7.47 -7.08
N SER B 31 -3.05 7.96 -6.00
CA SER B 31 -3.81 8.52 -4.91
C SER B 31 -3.16 9.76 -4.32
N GLU B 32 -3.95 10.62 -3.72
CA GLU B 32 -3.44 11.81 -3.05
C GLU B 32 -3.17 11.51 -1.58
N VAL B 33 -1.98 11.86 -1.12
CA VAL B 33 -1.55 11.59 0.25
C VAL B 33 -0.94 12.83 0.87
N LYS B 34 -0.68 12.76 2.17
CA LYS B 34 -0.03 13.85 2.91
C LYS B 34 1.39 13.43 3.24
N GLY B 35 2.35 14.26 2.88
CA GLY B 35 3.75 13.96 3.10
C GLY B 35 4.37 14.80 4.19
N PHE B 36 4.87 14.13 5.23
CA PHE B 36 5.54 14.80 6.33
C PHE B 36 7.06 14.67 6.18
N PHE B 55 2.81 19.37 6.89
CA PHE B 55 2.80 18.42 5.77
C PHE B 55 2.59 19.12 4.43
N LEU B 56 2.91 18.41 3.35
CA LEU B 56 2.71 18.91 2.00
C LEU B 56 1.95 17.86 1.21
N PRO B 57 1.12 18.28 0.26
CA PRO B 57 0.41 17.33 -0.60
C PRO B 57 1.41 16.54 -1.44
N LYS B 58 1.23 15.23 -1.52
CA LYS B 58 2.06 14.39 -2.40
C LYS B 58 1.16 13.49 -3.22
N VAL B 59 1.70 12.89 -4.26
CA VAL B 59 0.99 11.87 -5.01
C VAL B 59 1.67 10.53 -4.86
N LYS B 60 0.88 9.50 -4.52
CA LYS B 60 1.37 8.13 -4.51
C LYS B 60 0.99 7.43 -5.80
N VAL B 61 2.00 6.98 -6.53
CA VAL B 61 1.74 6.15 -7.72
C VAL B 61 2.10 4.69 -7.43
N GLU B 62 1.25 3.78 -7.88
CA GLU B 62 1.48 2.36 -7.67
C GLU B 62 1.22 1.55 -8.90
N VAL B 63 2.16 0.68 -9.24
CA VAL B 63 1.97 -0.24 -10.35
C VAL B 63 2.63 -1.59 -10.07
N ALA B 64 1.94 -2.65 -10.48
CA ALA B 64 2.50 -3.99 -10.38
C ALA B 64 3.09 -4.40 -11.71
N VAL B 65 4.34 -4.83 -11.68
CA VAL B 65 5.06 -5.18 -12.91
C VAL B 65 5.81 -6.49 -12.78
N SER B 66 6.20 -7.06 -13.92
CA SER B 66 7.02 -8.26 -13.93
CA SER B 66 7.02 -8.27 -13.91
C SER B 66 8.40 -7.95 -13.36
N ASP B 67 9.05 -8.95 -12.77
CA ASP B 67 10.43 -8.80 -12.32
C ASP B 67 11.29 -8.29 -13.47
N ASP B 68 10.93 -8.68 -14.69
CA ASP B 68 11.70 -8.30 -15.88
C ASP B 68 11.62 -6.81 -16.19
N GLN B 69 10.55 -6.16 -15.71
CA GLN B 69 10.31 -4.77 -16.03
C GLN B 69 10.59 -3.79 -14.90
N TYR B 70 10.73 -4.26 -13.66
CA TYR B 70 10.73 -3.34 -12.54
C TYR B 70 11.87 -2.34 -12.52
N GLU B 71 13.06 -2.74 -12.95
CA GLU B 71 14.17 -1.80 -12.92
C GLU B 71 13.98 -0.64 -13.91
N GLN B 72 13.47 -0.94 -15.09
CA GLN B 72 13.14 0.11 -16.06
C GLN B 72 12.04 1.03 -15.55
N VAL B 73 11.08 0.45 -14.83
CA VAL B 73 9.99 1.24 -14.26
C VAL B 73 10.49 2.19 -13.19
N VAL B 74 11.33 1.67 -12.29
CA VAL B 74 11.93 2.48 -11.23
C VAL B 74 12.75 3.63 -11.83
N GLU B 75 13.57 3.30 -12.83
CA GLU B 75 14.39 4.30 -13.49
C GLU B 75 13.53 5.37 -14.19
N ALA B 76 12.45 4.94 -14.83
CA ALA B 76 11.57 5.87 -15.53
C ALA B 76 10.88 6.83 -14.57
N ILE B 77 10.37 6.30 -13.46
CA ILE B 77 9.76 7.13 -12.45
C ILE B 77 10.77 8.10 -11.83
N GLN B 78 11.94 7.58 -11.48
CA GLN B 78 12.97 8.41 -10.87
C GLN B 78 13.35 9.60 -11.73
N LYS B 79 13.60 9.34 -13.02
CA LYS B 79 14.03 10.41 -13.92
CA LYS B 79 14.01 10.39 -13.95
C LYS B 79 12.92 11.44 -14.15
N ALA B 80 11.68 10.97 -14.25
CA ALA B 80 10.55 11.87 -14.46
C ALA B 80 10.21 12.70 -13.23
N ALA B 81 10.40 12.12 -12.04
CA ALA B 81 9.97 12.79 -10.81
C ALA B 81 11.06 13.64 -10.19
N ASN B 82 12.29 13.47 -10.66
CA ASN B 82 13.43 14.17 -10.09
C ASN B 82 13.40 15.67 -10.34
N THR B 83 13.69 16.43 -9.29
CA THR B 83 14.05 17.84 -9.42
C THR B 83 15.44 18.15 -8.85
N GLY B 84 15.90 17.31 -7.91
CA GLY B 84 17.15 17.57 -7.20
C GLY B 84 16.98 18.35 -5.91
N ARG B 85 15.75 18.79 -5.64
CA ARG B 85 15.48 19.57 -4.45
C ARG B 85 14.81 18.72 -3.37
N ILE B 86 14.84 19.24 -2.15
CA ILE B 86 14.21 18.59 -1.00
C ILE B 86 12.74 18.26 -1.31
N GLY B 87 12.28 17.11 -0.83
CA GLY B 87 10.90 16.69 -1.01
C GLY B 87 10.59 15.85 -2.23
N ASP B 88 11.62 15.53 -3.01
CA ASP B 88 11.45 14.75 -4.24
C ASP B 88 10.80 13.40 -4.02
N GLY B 89 11.07 12.79 -2.86
CA GLY B 89 10.38 11.57 -2.49
C GLY B 89 11.16 10.29 -2.68
N LYS B 90 10.41 9.18 -2.71
CA LYS B 90 11.00 7.86 -2.65
C LYS B 90 10.27 6.89 -3.56
N ILE B 91 10.99 5.87 -4.01
CA ILE B 91 10.39 4.76 -4.74
C ILE B 91 10.67 3.50 -3.92
N PHE B 92 9.63 2.73 -3.61
CA PHE B 92 9.78 1.48 -2.86
C PHE B 92 9.33 0.32 -3.73
N VAL B 93 10.12 -0.75 -3.74
CA VAL B 93 9.78 -1.92 -4.52
C VAL B 93 9.52 -3.08 -3.56
N LEU B 94 8.34 -3.68 -3.67
CA LEU B 94 7.95 -4.80 -2.81
C LEU B 94 7.65 -6.02 -3.65
N ASP B 95 7.92 -7.21 -3.10
CA ASP B 95 7.68 -8.45 -3.81
C ASP B 95 6.21 -8.83 -3.80
N ILE B 96 5.69 -9.21 -4.95
CA ILE B 96 4.34 -9.75 -5.07
C ILE B 96 4.40 -11.25 -5.28
N ALA B 97 3.78 -12.00 -4.38
CA ALA B 97 3.87 -13.46 -4.41
C ALA B 97 2.92 -14.06 -5.43
N GLN B 98 1.79 -13.39 -5.63
CA GLN B 98 0.75 -13.92 -6.48
C GLN B 98 -0.09 -12.78 -7.02
N ALA B 99 -0.52 -12.91 -8.27
CA ALA B 99 -1.45 -11.95 -8.86
C ALA B 99 -2.57 -12.65 -9.60
N VAL B 100 -3.78 -12.11 -9.46
CA VAL B 100 -4.94 -12.68 -10.12
C VAL B 100 -5.62 -11.63 -10.98
N ARG B 101 -5.95 -11.98 -12.21
CA ARG B 101 -6.73 -11.12 -13.08
C ARG B 101 -8.20 -11.35 -12.79
N ILE B 102 -8.87 -10.34 -12.23
CA ILE B 102 -10.25 -10.51 -11.78
C ILE B 102 -11.19 -10.88 -12.92
N ARG B 103 -10.91 -10.35 -14.11
CA ARG B 103 -11.79 -10.57 -15.27
C ARG B 103 -11.87 -12.05 -15.68
N THR B 104 -10.76 -12.77 -15.54
CA THR B 104 -10.69 -14.15 -16.03
C THR B 104 -10.55 -15.17 -14.91
N GLY B 105 -10.10 -14.71 -13.74
CA GLY B 105 -9.84 -15.59 -12.61
C GLY B 105 -8.49 -16.29 -12.71
N GLU B 106 -7.70 -15.90 -13.70
CA GLU B 106 -6.40 -16.53 -13.93
C GLU B 106 -5.35 -16.02 -12.96
N THR B 107 -4.57 -16.94 -12.39
CA THR B 107 -3.59 -16.64 -11.37
C THR B 107 -2.17 -16.77 -11.92
N ASN B 108 -1.34 -15.77 -11.67
CA ASN B 108 0.04 -15.78 -12.14
C ASN B 108 1.03 -15.65 -11.00
N THR B 109 2.18 -16.29 -11.15
CA THR B 109 3.29 -16.14 -10.22
C THR B 109 4.60 -16.10 -11.00
N GLU B 110 5.63 -15.49 -10.41
CA GLU B 110 6.99 -15.57 -10.99
C GLU B 110 7.98 -16.16 -9.99
N MET C 1 1.17 -14.07 8.03
CA MET C 1 0.00 -13.55 7.32
C MET C 1 0.37 -13.08 5.92
N LYS C 2 -0.66 -12.76 5.14
CA LYS C 2 -0.48 -12.23 3.80
C LYS C 2 -1.31 -10.96 3.67
N LEU C 3 -0.82 -10.00 2.90
CA LEU C 3 -1.60 -8.82 2.58
C LEU C 3 -2.24 -9.07 1.23
N VAL C 4 -3.57 -9.09 1.20
CA VAL C 4 -4.30 -9.19 -0.05
C VAL C 4 -4.78 -7.80 -0.45
N MET C 5 -4.34 -7.36 -1.64
CA MET C 5 -4.63 -6.04 -2.17
C MET C 5 -5.37 -6.17 -3.50
N ALA C 6 -6.57 -5.60 -3.59
CA ALA C 6 -7.35 -5.68 -4.80
C ALA C 6 -7.75 -4.29 -5.29
N ILE C 7 -7.67 -4.07 -6.60
CA ILE C 7 -8.14 -2.83 -7.20
C ILE C 7 -9.39 -3.15 -8.01
N ILE C 8 -10.53 -2.68 -7.53
CA ILE C 8 -11.82 -3.09 -8.08
C ILE C 8 -12.66 -1.90 -8.54
N LYS C 9 -13.69 -2.19 -9.33
CA LYS C 9 -14.67 -1.19 -9.69
C LYS C 9 -15.45 -0.80 -8.44
N PRO C 10 -15.62 0.51 -8.21
CA PRO C 10 -16.26 1.01 -6.98
C PRO C 10 -17.63 0.39 -6.68
N PHE C 11 -18.46 0.15 -7.68
CA PHE C 11 -19.79 -0.40 -7.41
C PHE C 11 -19.76 -1.87 -6.96
N LYS C 12 -18.57 -2.48 -7.00
CA LYS C 12 -18.43 -3.87 -6.59
C LYS C 12 -18.04 -4.01 -5.12
N LEU C 13 -17.80 -2.88 -4.45
CA LEU C 13 -17.36 -2.93 -3.06
C LEU C 13 -18.36 -3.66 -2.16
N ASP C 14 -19.64 -3.33 -2.29
CA ASP C 14 -20.66 -3.98 -1.47
C ASP C 14 -20.63 -5.51 -1.59
N GLU C 15 -20.56 -6.01 -2.82
CA GLU C 15 -20.50 -7.44 -3.08
C GLU C 15 -19.20 -8.07 -2.54
N VAL C 16 -18.09 -7.36 -2.70
CA VAL C 16 -16.82 -7.84 -2.16
C VAL C 16 -16.89 -7.90 -0.63
N ARG C 17 -17.41 -6.84 0.00
CA ARG C 17 -17.59 -6.83 1.45
C ARG C 17 -18.50 -7.97 1.93
N GLU C 18 -19.60 -8.18 1.22
CA GLU C 18 -20.52 -9.26 1.57
C GLU C 18 -19.84 -10.62 1.53
N ALA C 19 -19.06 -10.87 0.49
CA ALA C 19 -18.34 -12.14 0.35
C ALA C 19 -17.33 -12.33 1.46
N LEU C 20 -16.64 -11.27 1.83
CA LEU C 20 -15.63 -11.37 2.86
C LEU C 20 -16.27 -11.60 4.23
N THR C 21 -17.38 -10.94 4.47
CA THR C 21 -18.14 -11.13 5.70
C THR C 21 -18.65 -12.58 5.83
N SER C 22 -19.06 -13.18 4.72
CA SER C 22 -19.49 -14.58 4.73
C SER C 22 -18.34 -15.52 5.13
N LEU C 23 -17.11 -15.10 4.84
CA LEU C 23 -15.92 -15.86 5.21
C LEU C 23 -15.49 -15.59 6.64
N GLY C 24 -16.11 -14.60 7.28
CA GLY C 24 -15.78 -14.25 8.65
C GLY C 24 -14.60 -13.30 8.75
N ILE C 25 -14.30 -12.62 7.66
CA ILE C 25 -13.18 -11.67 7.65
C ILE C 25 -13.48 -10.36 8.37
N GLN C 26 -14.38 -9.56 7.79
CA GLN C 26 -14.92 -8.35 8.44
C GLN C 26 -13.97 -7.14 8.53
N GLY C 27 -12.76 -7.34 9.04
CA GLY C 27 -11.79 -6.26 9.16
C GLY C 27 -11.01 -6.04 7.88
N LEU C 28 -11.19 -4.87 7.25
CA LEU C 28 -10.52 -4.56 6.01
C LEU C 28 -10.44 -3.06 5.76
N THR C 29 -9.48 -2.65 4.94
CA THR C 29 -9.21 -1.24 4.72
C THR C 29 -9.44 -0.84 3.27
N VAL C 30 -10.21 0.21 3.07
CA VAL C 30 -10.60 0.67 1.74
C VAL C 30 -10.04 2.06 1.44
N SER C 31 -9.43 2.21 0.27
CA SER C 31 -8.89 3.49 -0.19
C SER C 31 -9.55 3.89 -1.50
N GLU C 32 -9.82 5.17 -1.67
CA GLU C 32 -10.33 5.69 -2.92
C GLU C 32 -9.15 6.11 -3.77
N VAL C 33 -9.00 5.49 -4.94
CA VAL C 33 -7.87 5.75 -5.82
C VAL C 33 -8.32 6.05 -7.24
N LYS C 34 -7.37 6.48 -8.07
CA LYS C 34 -7.65 6.77 -9.48
C LYS C 34 -6.90 5.83 -10.41
N GLY C 35 -7.64 5.18 -11.30
CA GLY C 35 -7.05 4.35 -12.33
C GLY C 35 -7.00 5.11 -13.64
N PHE C 36 -6.18 4.63 -14.56
CA PHE C 36 -6.00 5.34 -15.84
C PHE C 36 -6.12 4.43 -17.05
N PHE C 55 -9.29 9.82 -16.12
CA PHE C 55 -9.08 8.81 -15.09
C PHE C 55 -10.38 8.10 -14.73
N LEU C 56 -10.26 6.90 -14.17
CA LEU C 56 -11.41 6.16 -13.70
C LEU C 56 -11.28 5.94 -12.19
N PRO C 57 -12.38 6.19 -11.45
CA PRO C 57 -12.40 5.93 -10.01
C PRO C 57 -12.30 4.43 -9.76
N LYS C 58 -11.45 4.05 -8.81
CA LYS C 58 -11.32 2.66 -8.40
C LYS C 58 -11.33 2.60 -6.88
N VAL C 59 -11.59 1.42 -6.36
CA VAL C 59 -11.47 1.20 -4.94
C VAL C 59 -10.34 0.22 -4.67
N LYS C 60 -9.43 0.59 -3.78
CA LYS C 60 -8.40 -0.33 -3.32
C LYS C 60 -8.84 -0.98 -2.01
N VAL C 61 -8.97 -2.30 -2.03
CA VAL C 61 -9.31 -3.06 -0.84
C VAL C 61 -8.07 -3.74 -0.33
N GLU C 62 -7.78 -3.59 0.96
CA GLU C 62 -6.62 -4.23 1.56
C GLU C 62 -7.07 -5.01 2.78
N VAL C 63 -6.70 -6.28 2.82
CA VAL C 63 -6.99 -7.09 3.98
C VAL C 63 -5.84 -8.04 4.28
N ALA C 64 -5.36 -7.99 5.52
CA ALA C 64 -4.34 -8.91 5.99
C ALA C 64 -5.03 -10.18 6.47
N VAL C 65 -4.55 -11.32 6.00
CA VAL C 65 -5.23 -12.60 6.25
C VAL C 65 -4.18 -13.64 6.62
N SER C 66 -4.57 -14.60 7.46
CA SER C 66 -3.70 -15.71 7.81
C SER C 66 -3.29 -16.51 6.57
N ASP C 67 -2.16 -17.19 6.67
CA ASP C 67 -1.72 -18.07 5.60
C ASP C 67 -2.77 -19.14 5.28
N ASP C 68 -3.49 -19.59 6.30
CA ASP C 68 -4.50 -20.64 6.12
C ASP C 68 -5.72 -20.21 5.31
N GLN C 69 -5.93 -18.90 5.17
CA GLN C 69 -7.17 -18.39 4.61
CA GLN C 69 -7.16 -18.42 4.56
C GLN C 69 -6.95 -17.41 3.44
N TYR C 70 -5.71 -17.07 3.16
CA TYR C 70 -5.48 -16.01 2.17
C TYR C 70 -5.98 -16.38 0.77
N GLU C 71 -5.80 -17.62 0.36
CA GLU C 71 -6.24 -17.99 -0.98
C GLU C 71 -7.77 -17.98 -1.09
N GLN C 72 -8.44 -18.37 -0.01
CA GLN C 72 -9.89 -18.28 0.04
C GLN C 72 -10.38 -16.85 -0.06
N VAL C 73 -9.65 -15.94 0.58
CA VAL C 73 -9.97 -14.51 0.50
C VAL C 73 -9.77 -13.99 -0.92
N VAL C 74 -8.65 -14.36 -1.55
CA VAL C 74 -8.41 -13.98 -2.94
C VAL C 74 -9.54 -14.43 -3.85
N GLU C 75 -9.92 -15.70 -3.72
CA GLU C 75 -10.94 -16.25 -4.60
C GLU C 75 -12.31 -15.62 -4.33
N ALA C 76 -12.59 -15.32 -3.07
CA ALA C 76 -13.85 -14.68 -2.72
C ALA C 76 -13.94 -13.28 -3.33
N ILE C 77 -12.85 -12.53 -3.26
CA ILE C 77 -12.80 -11.21 -3.87
C ILE C 77 -12.95 -11.32 -5.39
N GLN C 78 -12.25 -12.27 -5.98
CA GLN C 78 -12.28 -12.44 -7.43
C GLN C 78 -13.70 -12.69 -7.92
N LYS C 79 -14.39 -13.64 -7.30
CA LYS C 79 -15.72 -14.00 -7.74
C LYS C 79 -16.72 -12.85 -7.57
N ALA C 80 -16.56 -12.11 -6.48
CA ALA C 80 -17.47 -11.00 -6.17
C ALA C 80 -17.25 -9.78 -7.06
N ALA C 81 -16.00 -9.50 -7.40
CA ALA C 81 -15.66 -8.30 -8.14
C ALA C 81 -15.74 -8.51 -9.64
N ASN C 82 -15.87 -9.76 -10.05
CA ASN C 82 -15.88 -10.12 -11.47
C ASN C 82 -17.13 -9.66 -12.21
N THR C 83 -16.94 -9.18 -13.44
CA THR C 83 -18.04 -8.89 -14.36
C THR C 83 -17.79 -9.53 -15.72
N GLY C 84 -16.52 -9.76 -16.04
CA GLY C 84 -16.14 -10.30 -17.32
C GLY C 84 -15.87 -9.19 -18.31
N ARG C 85 -16.00 -7.95 -17.84
CA ARG C 85 -15.79 -6.77 -18.67
C ARG C 85 -14.40 -6.20 -18.44
N ILE C 86 -13.93 -5.39 -19.38
CA ILE C 86 -12.65 -4.71 -19.23
C ILE C 86 -12.71 -3.80 -18.00
N GLY C 87 -11.60 -3.71 -17.28
CA GLY C 87 -11.50 -2.84 -16.12
C GLY C 87 -11.80 -3.50 -14.79
N ASP C 88 -11.94 -4.83 -14.79
CA ASP C 88 -12.31 -5.56 -13.58
C ASP C 88 -11.26 -5.43 -12.49
N GLY C 89 -10.00 -5.37 -12.89
CA GLY C 89 -8.92 -5.13 -11.96
C GLY C 89 -8.09 -6.34 -11.64
N LYS C 90 -7.28 -6.23 -10.60
CA LYS C 90 -6.38 -7.30 -10.21
C LYS C 90 -6.32 -7.46 -8.71
N ILE C 91 -5.90 -8.64 -8.28
CA ILE C 91 -5.64 -8.90 -6.87
C ILE C 91 -4.17 -9.27 -6.72
N PHE C 92 -3.51 -8.68 -5.74
CA PHE C 92 -2.11 -8.98 -5.46
C PHE C 92 -1.95 -9.53 -4.05
N VAL C 93 -1.03 -10.46 -3.88
CA VAL C 93 -0.74 -11.02 -2.57
C VAL C 93 0.70 -10.70 -2.21
N LEU C 94 0.90 -10.09 -1.05
CA LEU C 94 2.23 -9.77 -0.55
C LEU C 94 2.44 -10.41 0.81
N ASP C 95 3.66 -10.83 1.09
CA ASP C 95 3.97 -11.42 2.40
C ASP C 95 4.06 -10.36 3.48
N ILE C 96 3.46 -10.65 4.63
CA ILE C 96 3.62 -9.79 5.81
C ILE C 96 4.58 -10.46 6.79
N ALA C 97 5.68 -9.78 7.11
CA ALA C 97 6.68 -10.35 7.99
C ALA C 97 6.21 -10.35 9.44
N GLN C 98 5.41 -9.35 9.79
CA GLN C 98 4.92 -9.19 11.14
C GLN C 98 3.65 -8.36 11.16
N ALA C 99 2.63 -8.84 11.87
CA ALA C 99 1.41 -8.08 12.06
C ALA C 99 1.17 -7.87 13.54
N VAL C 100 0.84 -6.63 13.92
CA VAL C 100 0.55 -6.30 15.30
C VAL C 100 -0.88 -5.79 15.48
N ARG C 101 -1.57 -6.31 16.50
CA ARG C 101 -2.88 -5.83 16.86
C ARG C 101 -2.69 -4.67 17.85
N ILE C 102 -3.05 -3.47 17.42
CA ILE C 102 -2.75 -2.28 18.23
C ILE C 102 -3.44 -2.30 19.59
N ARG C 103 -4.67 -2.81 19.64
CA ARG C 103 -5.43 -2.85 20.89
C ARG C 103 -4.73 -3.57 22.04
N THR C 104 -3.95 -4.60 21.72
CA THR C 104 -3.32 -5.45 22.73
C THR C 104 -1.80 -5.53 22.58
N GLY C 105 -1.28 -5.16 21.41
CA GLY C 105 0.14 -5.27 21.15
C GLY C 105 0.60 -6.65 20.71
N GLU C 106 -0.35 -7.58 20.56
CA GLU C 106 -0.02 -8.95 20.16
C GLU C 106 0.43 -9.05 18.72
N THR C 107 1.32 -9.99 18.44
CA THR C 107 1.81 -10.20 17.08
C THR C 107 1.19 -11.41 16.38
N ASN C 108 0.87 -11.23 15.10
CA ASN C 108 0.45 -12.31 14.19
C ASN C 108 -0.68 -13.18 14.71
#